data_4AA7
#
_entry.id   4AA7
#
_cell.length_a   80.713
_cell.length_b   80.713
_cell.length_c   140.061
_cell.angle_alpha   90.00
_cell.angle_beta   90.00
_cell.angle_gamma   120.00
#
_symmetry.space_group_name_H-M   'P 63'
#
loop_
_entity.id
_entity.type
_entity.pdbx_description
1 polymer 'BIFUNCTIONAL PROTEIN GLMU'
2 non-polymer N-(2,4-dimethoxy-5-{[(2R)-2-methyl-2,3-dihydro-1H-indol-1-yl]sulfonyl}phenyl)acetamide
3 non-polymer 'SULFATE ION'
4 water water
#
_entity_poly.entity_id   1
_entity_poly.type   'polypeptide(L)'
_entity_poly.pdbx_seq_one_letter_code
;HNNRLQLSRLERVYQSEQAEKLLLAGVMLRDPARFDLRGTLTHGRDVEIDTNVIIEGNVTLGHRVKIGTGCVIKNSVIGD
DCEISPYTVVEDANLAAACTIGPFARLRPGAELLEGAHVGNFVEMKKARLGKGSKAGHLTYLGDAEIGDNVNIGAGTITC
NYDGANKFKTIIGDDVFVGSDTQLVAPVTVGKGATIAAGTTVTRNVGENALAISRVPQTQKEGWRRPVKKK
;
_entity_poly.pdbx_strand_id   A,B
#
loop_
_chem_comp.id
_chem_comp.type
_chem_comp.name
_chem_comp.formula
R82 non-polymer N-(2,4-dimethoxy-5-{[(2R)-2-methyl-2,3-dihydro-1H-indol-1-yl]sulfonyl}phenyl)acetamide 'C19 H22 N2 O5 S'
SO4 non-polymer 'SULFATE ION' 'O4 S -2'
#
# COMPACT_ATOMS: atom_id res chain seq x y z
N LEU A 7 25.77 -21.30 18.85
CA LEU A 7 25.10 -20.25 18.04
C LEU A 7 24.25 -19.37 18.95
N SER A 8 23.51 -19.99 19.86
CA SER A 8 22.51 -19.20 20.59
C SER A 8 23.13 -18.08 21.46
N ARG A 9 24.17 -18.44 22.23
CA ARG A 9 24.78 -17.47 23.13
C ARG A 9 25.47 -16.39 22.33
N LEU A 10 26.23 -16.78 21.31
CA LEU A 10 26.85 -15.80 20.41
C LEU A 10 25.84 -14.82 19.77
N GLU A 11 24.80 -15.32 19.11
CA GLU A 11 23.83 -14.38 18.55
C GLU A 11 23.09 -13.50 19.60
N ARG A 12 22.87 -14.01 20.80
CA ARG A 12 22.37 -13.22 21.97
C ARG A 12 23.29 -12.01 22.32
N VAL A 13 24.60 -12.25 22.32
CA VAL A 13 25.62 -11.20 22.46
C VAL A 13 25.53 -10.12 21.37
N TYR A 14 25.34 -10.56 20.13
CA TYR A 14 25.16 -9.61 19.11
C TYR A 14 23.87 -8.78 19.33
N GLN A 15 22.84 -9.34 19.98
CA GLN A 15 21.64 -8.50 20.35
C GLN A 15 21.97 -7.40 21.38
N SER A 16 22.82 -7.70 22.36
CA SER A 16 23.32 -6.69 23.28
C SER A 16 24.07 -5.58 22.56
N GLU A 17 24.90 -5.93 21.59
CA GLU A 17 25.67 -4.93 20.85
C GLU A 17 24.73 -3.87 20.20
N GLN A 18 23.84 -4.37 19.35
CA GLN A 18 22.73 -3.61 18.77
C GLN A 18 21.94 -2.74 19.75
N ALA A 19 21.43 -3.36 20.83
CA ALA A 19 20.75 -2.60 21.91
C ALA A 19 21.67 -1.43 22.38
N GLU A 20 22.92 -1.74 22.67
CA GLU A 20 23.87 -0.71 23.08
C GLU A 20 24.09 0.38 22.05
N LYS A 21 24.28 0.00 20.79
CA LYS A 21 24.45 0.97 19.71
C LYS A 21 23.17 1.85 19.58
N LEU A 22 22.00 1.26 19.77
CA LEU A 22 20.78 2.00 19.66
C LEU A 22 20.63 3.06 20.76
N LEU A 23 21.00 2.68 22.00
CA LEU A 23 21.07 3.60 23.13
C LEU A 23 22.05 4.74 22.78
N LEU A 24 23.24 4.42 22.26
CA LEU A 24 24.22 5.45 21.92
C LEU A 24 23.68 6.43 20.83
N ALA A 25 22.88 5.90 19.91
CA ALA A 25 22.34 6.67 18.82
C ALA A 25 21.07 7.40 19.27
N GLY A 26 20.65 7.32 20.54
CA GLY A 26 19.60 8.18 21.06
C GLY A 26 18.21 7.56 21.11
N VAL A 27 18.11 6.25 20.84
CA VAL A 27 16.83 5.56 21.05
C VAL A 27 16.64 5.26 22.55
N MET A 28 15.42 5.50 23.05
CA MET A 28 15.10 5.15 24.43
C MET A 28 14.57 3.71 24.49
N LEU A 29 15.43 2.80 24.96
CA LEU A 29 15.04 1.39 25.15
C LEU A 29 14.74 1.19 26.63
N ARG A 30 13.50 0.77 26.98
CA ARG A 30 13.20 0.54 28.40
C ARG A 30 14.06 -0.51 29.07
N ASP A 31 14.44 -1.55 28.32
CA ASP A 31 15.35 -2.56 28.87
C ASP A 31 16.15 -3.10 27.70
N PRO A 32 17.43 -2.68 27.63
CA PRO A 32 18.27 -3.22 26.55
C PRO A 32 18.41 -4.78 26.58
N ALA A 33 18.16 -5.42 27.73
CA ALA A 33 18.27 -6.87 27.82
C ALA A 33 17.01 -7.54 27.28
N ARG A 34 15.94 -6.77 27.10
CA ARG A 34 14.68 -7.27 26.50
C ARG A 34 14.33 -6.51 25.22
N PHE A 35 15.22 -6.65 24.25
CA PHE A 35 15.05 -6.04 22.97
C PHE A 35 15.70 -6.94 21.91
N ASP A 36 15.10 -7.08 20.75
CA ASP A 36 15.73 -7.93 19.72
C ASP A 36 15.60 -7.24 18.39
N LEU A 37 16.73 -7.17 17.70
CA LEU A 37 16.77 -6.59 16.34
C LEU A 37 17.32 -7.67 15.41
N ARG A 38 16.48 -8.20 14.51
CA ARG A 38 16.89 -9.27 13.57
C ARG A 38 16.82 -8.71 12.15
N GLY A 39 17.80 -7.89 11.80
CA GLY A 39 17.76 -7.15 10.55
C GLY A 39 18.28 -5.74 10.78
N THR A 40 17.61 -4.74 10.20
CA THR A 40 18.14 -3.35 10.27
C THR A 40 17.05 -2.38 10.69
N LEU A 41 17.38 -1.47 11.59
CA LEU A 41 16.42 -0.47 12.05
C LEU A 41 16.97 0.93 11.75
N THR A 42 16.16 1.76 11.08
CA THR A 42 16.51 3.18 10.85
C THR A 42 15.51 3.95 11.69
N HIS A 43 15.94 5.03 12.35
CA HIS A 43 14.96 5.74 13.25
C HIS A 43 15.24 7.21 13.28
N GLY A 44 14.22 8.03 13.59
CA GLY A 44 14.43 9.46 13.85
C GLY A 44 14.73 9.73 15.33
N ARG A 45 14.45 10.94 15.78
CA ARG A 45 14.81 11.35 17.14
C ARG A 45 13.67 10.97 18.09
N ASP A 46 13.99 10.87 19.37
CA ASP A 46 12.99 10.73 20.46
C ASP A 46 12.10 9.50 20.35
N VAL A 47 12.61 8.44 19.70
CA VAL A 47 11.91 7.13 19.63
C VAL A 47 11.97 6.40 20.98
N GLU A 48 10.84 5.84 21.40
CA GLU A 48 10.79 5.15 22.68
C GLU A 48 10.31 3.74 22.46
N ILE A 49 11.12 2.77 22.91
CA ILE A 49 10.78 1.37 22.67
C ILE A 49 10.67 0.64 24.00
N ASP A 50 9.53 0.02 24.26
CA ASP A 50 9.37 -0.65 25.56
C ASP A 50 9.97 -2.08 25.58
N THR A 51 9.76 -2.81 26.68
CA THR A 51 10.24 -4.22 26.81
C THR A 51 9.72 -5.20 25.78
N ASN A 52 10.57 -6.19 25.47
CA ASN A 52 10.18 -7.38 24.71
C ASN A 52 9.71 -7.06 23.30
N VAL A 53 10.22 -5.95 22.73
CA VAL A 53 9.98 -5.70 21.31
C VAL A 53 10.97 -6.45 20.40
N ILE A 54 10.48 -6.92 19.28
CA ILE A 54 11.27 -7.61 18.27
C ILE A 54 11.05 -6.90 16.93
N ILE A 55 12.17 -6.43 16.36
CA ILE A 55 12.20 -5.72 15.07
C ILE A 55 12.83 -6.73 14.10
N GLU A 56 12.13 -6.99 13.00
CA GLU A 56 12.52 -7.99 12.00
C GLU A 56 12.61 -7.43 10.59
N GLY A 57 13.59 -7.93 9.82
CA GLY A 57 13.71 -7.50 8.41
C GLY A 57 14.29 -6.09 8.36
N ASN A 58 13.72 -5.25 7.52
CA ASN A 58 14.26 -3.93 7.32
C ASN A 58 13.15 -2.95 7.73
N VAL A 59 13.37 -2.21 8.83
CA VAL A 59 12.29 -1.42 9.44
C VAL A 59 12.78 0.05 9.54
N THR A 60 11.86 0.98 9.30
CA THR A 60 12.19 2.40 9.43
C THR A 60 11.07 3.07 10.30
N LEU A 61 11.50 3.83 11.33
CA LEU A 61 10.63 4.58 12.25
C LEU A 61 10.93 6.06 12.09
N GLY A 62 9.89 6.90 12.05
CA GLY A 62 10.12 8.35 11.96
C GLY A 62 10.44 8.86 13.38
N HIS A 63 10.23 10.16 13.60
CA HIS A 63 10.52 10.78 14.89
C HIS A 63 9.44 10.57 15.90
N ARG A 64 9.81 10.48 17.16
CA ARG A 64 8.84 10.43 18.23
C ARG A 64 7.84 9.25 18.17
N VAL A 65 8.19 8.23 17.40
CA VAL A 65 7.45 6.96 17.42
C VAL A 65 7.54 6.26 18.80
N LYS A 66 6.44 5.77 19.31
CA LYS A 66 6.40 5.09 20.64
C LYS A 66 5.90 3.69 20.42
N ILE A 67 6.65 2.70 20.91
CA ILE A 67 6.27 1.32 20.67
C ILE A 67 6.17 0.65 22.02
N GLY A 68 4.97 0.17 22.33
CA GLY A 68 4.73 -0.45 23.65
C GLY A 68 5.22 -1.90 23.79
N THR A 69 5.00 -2.51 24.97
CA THR A 69 5.59 -3.80 25.31
C THR A 69 5.13 -4.92 24.35
N GLY A 70 6.03 -5.85 24.03
CA GLY A 70 5.63 -7.05 23.35
C GLY A 70 5.38 -6.91 21.85
N CYS A 71 5.54 -5.74 21.25
CA CYS A 71 5.24 -5.60 19.81
C CYS A 71 6.25 -6.30 18.87
N VAL A 72 5.77 -6.71 17.69
CA VAL A 72 6.61 -7.41 16.71
C VAL A 72 6.41 -6.63 15.42
N ILE A 73 7.51 -6.06 14.93
CA ILE A 73 7.42 -5.19 13.74
C ILE A 73 8.44 -5.66 12.66
N LYS A 74 7.92 -6.05 11.50
CA LYS A 74 8.74 -6.69 10.50
C LYS A 74 8.56 -5.95 9.19
N ASN A 75 9.67 -5.57 8.52
CA ASN A 75 9.58 -4.96 7.15
C ASN A 75 8.57 -3.84 6.95
N SER A 76 8.54 -2.91 7.89
CA SER A 76 7.43 -1.93 7.94
C SER A 76 8.02 -0.54 8.01
N VAL A 77 7.19 0.44 7.69
CA VAL A 77 7.53 1.84 7.64
C VAL A 77 6.55 2.56 8.55
N ILE A 78 7.10 3.26 9.53
CA ILE A 78 6.22 3.87 10.56
C ILE A 78 6.54 5.36 10.66
N GLY A 79 5.52 6.18 10.39
CA GLY A 79 5.71 7.59 10.20
C GLY A 79 5.86 8.28 11.55
N ASP A 80 6.19 9.57 11.50
CA ASP A 80 6.45 10.38 12.70
C ASP A 80 5.25 10.33 13.64
N ASP A 81 5.50 10.33 14.94
CA ASP A 81 4.41 10.43 15.95
C ASP A 81 3.48 9.26 16.10
N CYS A 82 3.72 8.14 15.42
CA CYS A 82 2.85 6.98 15.61
C CYS A 82 2.96 6.42 17.01
N GLU A 83 1.85 5.89 17.53
CA GLU A 83 1.83 5.18 18.84
C GLU A 83 1.36 3.74 18.64
N ILE A 84 2.28 2.80 18.87
CA ILE A 84 1.94 1.40 18.66
C ILE A 84 1.78 0.83 20.07
N SER A 85 0.56 0.45 20.43
CA SER A 85 0.24 0.02 21.81
C SER A 85 0.64 -1.44 22.03
N PRO A 86 0.56 -1.95 23.29
CA PRO A 86 1.10 -3.32 23.55
C PRO A 86 0.57 -4.51 22.72
N TYR A 87 1.44 -5.50 22.51
CA TYR A 87 1.03 -6.78 21.92
C TYR A 87 0.34 -6.52 20.58
N THR A 88 1.02 -5.74 19.73
CA THR A 88 0.56 -5.51 18.39
C THR A 88 1.61 -6.10 17.41
N VAL A 89 1.13 -6.76 16.36
CA VAL A 89 2.04 -7.48 15.38
C VAL A 89 1.84 -6.74 14.08
N VAL A 90 2.96 -6.30 13.52
CA VAL A 90 2.96 -5.55 12.26
C VAL A 90 3.92 -6.17 11.22
N GLU A 91 3.38 -6.61 10.06
CA GLU A 91 4.21 -7.21 9.03
C GLU A 91 3.97 -6.59 7.63
N ASP A 92 5.03 -6.05 7.00
CA ASP A 92 4.96 -5.38 5.71
C ASP A 92 3.84 -4.32 5.61
N ALA A 93 3.76 -3.43 6.62
CA ALA A 93 2.72 -2.40 6.63
C ALA A 93 3.36 -1.02 6.52
N ASN A 94 2.58 -0.05 6.10
CA ASN A 94 3.07 1.34 6.09
C ASN A 94 2.10 2.10 6.95
N LEU A 95 2.61 2.85 7.94
CA LEU A 95 1.78 3.78 8.71
C LEU A 95 2.23 5.18 8.39
N ALA A 96 1.29 6.05 8.01
CA ALA A 96 1.59 7.50 7.88
C ALA A 96 1.81 8.13 9.29
N ALA A 97 2.12 9.42 9.37
CA ALA A 97 2.27 10.12 10.66
C ALA A 97 1.00 9.98 11.52
N ALA A 98 1.20 9.93 12.83
CA ALA A 98 0.16 10.14 13.82
C ALA A 98 -0.94 9.05 13.83
N CYS A 99 -0.66 7.84 13.32
CA CYS A 99 -1.51 6.66 13.49
C CYS A 99 -1.39 6.10 14.86
N THR A 100 -2.49 5.58 15.39
CA THR A 100 -2.47 4.90 16.69
C THR A 100 -3.02 3.49 16.40
N ILE A 101 -2.24 2.43 16.66
CA ILE A 101 -2.74 1.04 16.55
C ILE A 101 -2.54 0.22 17.82
N GLY A 102 -3.44 -0.74 18.06
CA GLY A 102 -3.34 -1.66 19.20
C GLY A 102 -4.09 -1.11 20.41
N PRO A 103 -3.92 -1.79 21.59
CA PRO A 103 -3.21 -3.04 21.79
C PRO A 103 -3.87 -4.23 21.08
N PHE A 104 -3.13 -5.33 20.85
CA PHE A 104 -3.74 -6.52 20.19
C PHE A 104 -4.25 -6.24 18.79
N ALA A 105 -3.57 -5.37 18.04
CA ALA A 105 -3.85 -5.25 16.59
C ALA A 105 -2.87 -6.15 15.80
N ARG A 106 -3.30 -6.53 14.60
CA ARG A 106 -2.56 -7.45 13.84
C ARG A 106 -2.65 -6.91 12.40
N LEU A 107 -1.57 -6.32 11.93
CA LEU A 107 -1.46 -5.87 10.51
C LEU A 107 -0.59 -6.86 9.69
N ARG A 108 -1.25 -7.45 8.69
CA ARG A 108 -0.61 -8.38 7.71
C ARG A 108 -0.09 -7.58 6.52
N PRO A 109 0.71 -8.23 5.65
CA PRO A 109 1.29 -7.51 4.54
C PRO A 109 0.24 -6.78 3.72
N GLY A 110 0.62 -5.60 3.29
CA GLY A 110 -0.28 -4.81 2.47
C GLY A 110 -1.19 -3.90 3.29
N ALA A 111 -1.13 -3.91 4.61
CA ALA A 111 -1.85 -2.89 5.41
C ALA A 111 -1.23 -1.50 5.19
N GLU A 112 -2.07 -0.54 4.77
CA GLU A 112 -1.60 0.81 4.45
C GLU A 112 -2.50 1.73 5.24
N LEU A 113 -1.95 2.40 6.27
CA LEU A 113 -2.72 3.35 7.10
C LEU A 113 -2.35 4.80 6.77
N LEU A 114 -3.36 5.63 6.52
CA LEU A 114 -3.08 7.02 6.09
C LEU A 114 -3.06 7.86 7.38
N GLU A 115 -2.80 9.14 7.27
CA GLU A 115 -2.53 10.02 8.42
C GLU A 115 -3.61 10.06 9.52
N GLY A 116 -3.20 9.82 10.77
CA GLY A 116 -4.15 9.85 11.86
C GLY A 116 -5.08 8.64 11.97
N ALA A 117 -4.94 7.61 11.16
CA ALA A 117 -5.86 6.47 11.19
C ALA A 117 -5.75 5.74 12.53
N HIS A 118 -6.79 5.00 12.91
CA HIS A 118 -6.81 4.26 14.19
C HIS A 118 -7.24 2.85 14.02
N VAL A 119 -6.50 1.94 14.60
CA VAL A 119 -6.85 0.55 14.57
C VAL A 119 -6.81 0.04 16.03
N GLY A 120 -7.93 -0.49 16.54
CA GLY A 120 -8.12 -0.83 17.95
C GLY A 120 -7.81 -2.28 18.26
N ASN A 121 -8.26 -2.72 19.42
CA ASN A 121 -8.07 -4.14 19.82
C ASN A 121 -8.83 -5.21 19.03
N PHE A 122 -8.12 -6.34 18.80
CA PHE A 122 -8.69 -7.50 18.11
C PHE A 122 -9.18 -7.10 16.70
N VAL A 123 -8.32 -6.33 16.01
CA VAL A 123 -8.58 -5.90 14.65
C VAL A 123 -7.46 -6.41 13.77
N GLU A 124 -7.83 -6.97 12.61
CA GLU A 124 -6.86 -7.51 11.66
C GLU A 124 -7.04 -6.80 10.31
N MET A 125 -5.93 -6.38 9.71
CA MET A 125 -5.94 -5.85 8.33
C MET A 125 -4.99 -6.69 7.46
N LYS A 126 -5.38 -6.89 6.19
CA LYS A 126 -4.49 -7.53 5.18
C LYS A 126 -4.79 -6.91 3.84
N LYS A 127 -3.78 -6.43 3.08
CA LYS A 127 -4.03 -5.83 1.76
C LYS A 127 -5.23 -4.86 1.82
N ALA A 128 -5.18 -3.93 2.76
CA ALA A 128 -6.29 -3.02 2.99
C ALA A 128 -5.73 -1.65 3.32
N ARG A 129 -6.33 -0.58 2.76
CA ARG A 129 -5.92 0.79 3.01
C ARG A 129 -7.01 1.48 3.87
N LEU A 130 -6.56 2.11 4.94
CA LEU A 130 -7.41 2.88 5.90
C LEU A 130 -7.08 4.37 5.83
N GLY A 131 -8.08 5.14 5.38
CA GLY A 131 -7.85 6.53 5.01
C GLY A 131 -7.63 7.42 6.22
N LYS A 132 -7.51 8.71 5.93
CA LYS A 132 -7.01 9.67 6.86
C LYS A 132 -8.01 9.89 7.99
N GLY A 133 -7.60 9.79 9.25
CA GLY A 133 -8.54 10.03 10.34
C GLY A 133 -9.61 8.92 10.44
N SER A 134 -9.52 7.84 9.64
CA SER A 134 -10.49 6.77 9.76
C SER A 134 -10.22 5.79 10.90
N LYS A 135 -11.29 5.15 11.41
CA LYS A 135 -11.17 4.35 12.63
C LYS A 135 -11.76 2.97 12.52
N ALA A 136 -11.02 1.97 12.98
CA ALA A 136 -11.59 0.62 13.11
C ALA A 136 -11.18 0.10 14.50
N GLY A 137 -12.05 0.33 15.47
CA GLY A 137 -11.68 0.23 16.88
C GLY A 137 -11.79 -1.15 17.51
N HIS A 138 -12.53 -2.10 16.92
CA HIS A 138 -12.80 -3.36 17.65
C HIS A 138 -13.21 -4.50 16.79
N LEU A 139 -12.54 -5.64 16.97
CA LEU A 139 -13.11 -6.96 16.65
C LEU A 139 -13.56 -7.00 15.17
N THR A 140 -12.62 -6.68 14.26
CA THR A 140 -12.91 -6.43 12.85
C THR A 140 -11.81 -7.07 12.00
N TYR A 141 -12.23 -7.61 10.86
CA TYR A 141 -11.31 -8.02 9.84
C TYR A 141 -11.56 -7.16 8.56
N LEU A 142 -10.52 -6.50 8.06
CA LEU A 142 -10.52 -5.79 6.76
C LEU A 142 -9.44 -6.39 5.87
N GLY A 143 -9.90 -7.12 4.87
CA GLY A 143 -9.04 -7.79 3.89
C GLY A 143 -9.38 -7.31 2.48
N ASP A 144 -8.38 -7.00 1.66
CA ASP A 144 -8.61 -6.68 0.23
C ASP A 144 -9.63 -5.54 0.16
N ALA A 145 -9.37 -4.47 0.89
CA ALA A 145 -10.36 -3.37 0.99
C ALA A 145 -9.69 -2.00 0.78
N GLU A 146 -10.45 -1.06 0.20
CA GLU A 146 -10.06 0.35 0.16
C GLU A 146 -11.07 1.06 1.09
N ILE A 147 -10.59 1.74 2.14
CA ILE A 147 -11.45 2.55 3.03
C ILE A 147 -11.05 4.04 2.98
N GLY A 148 -12.03 4.90 2.69
CA GLY A 148 -11.73 6.30 2.44
C GLY A 148 -11.40 7.04 3.72
N ASP A 149 -11.39 8.39 3.66
CA ASP A 149 -11.02 9.27 4.80
C ASP A 149 -12.26 9.54 5.73
N ASN A 150 -12.02 9.73 7.05
CA ASN A 150 -13.09 10.07 7.98
C ASN A 150 -14.23 9.01 7.95
N VAL A 151 -13.85 7.74 7.83
CA VAL A 151 -14.78 6.66 7.86
C VAL A 151 -14.77 6.03 9.27
N ASN A 152 -15.95 5.68 9.79
CA ASN A 152 -15.99 4.92 11.02
C ASN A 152 -16.38 3.43 10.76
N ILE A 153 -15.51 2.52 11.16
CA ILE A 153 -15.78 1.10 10.94
C ILE A 153 -16.21 0.51 12.28
N GLY A 154 -17.50 0.22 12.42
CA GLY A 154 -18.02 -0.18 13.76
C GLY A 154 -17.47 -1.52 14.26
N ALA A 155 -17.45 -1.75 15.57
CA ALA A 155 -17.04 -3.06 16.11
C ALA A 155 -17.70 -4.20 15.34
N GLY A 156 -16.95 -5.29 15.10
CA GLY A 156 -17.63 -6.48 14.52
C GLY A 156 -17.76 -6.52 13.01
N THR A 157 -17.29 -5.49 12.33
CA THR A 157 -17.36 -5.47 10.84
C THR A 157 -16.34 -6.44 10.22
N ILE A 158 -16.76 -7.08 9.15
CA ILE A 158 -15.95 -8.08 8.46
C ILE A 158 -16.12 -7.91 6.94
N THR A 159 -15.00 -7.78 6.24
CA THR A 159 -15.03 -7.96 4.79
C THR A 159 -15.15 -9.43 4.45
N CYS A 160 -16.24 -9.85 3.75
CA CYS A 160 -16.30 -11.21 3.24
C CYS A 160 -15.59 -11.20 1.89
N ASN A 161 -14.27 -11.47 1.90
CA ASN A 161 -13.46 -11.17 0.68
C ASN A 161 -13.11 -12.41 -0.12
N TYR A 162 -13.40 -13.57 0.46
CA TYR A 162 -12.93 -14.82 -0.06
C TYR A 162 -14.10 -15.79 -0.17
N ASP A 163 -14.32 -16.36 -1.33
CA ASP A 163 -15.51 -17.20 -1.55
C ASP A 163 -15.16 -18.67 -1.62
N GLY A 164 -13.93 -19.00 -1.22
CA GLY A 164 -13.46 -20.37 -1.37
C GLY A 164 -12.74 -20.61 -2.69
N ALA A 165 -12.80 -19.66 -3.61
CA ALA A 165 -12.09 -19.81 -4.89
C ALA A 165 -11.21 -18.58 -5.17
N ASN A 166 -11.71 -17.40 -4.88
CA ASN A 166 -11.09 -16.15 -5.30
C ASN A 166 -11.27 -15.16 -4.19
N LYS A 167 -10.53 -14.07 -4.26
CA LYS A 167 -10.66 -12.97 -3.35
C LYS A 167 -11.13 -11.76 -4.13
N PHE A 168 -11.99 -10.99 -3.47
CA PHE A 168 -12.65 -9.85 -4.12
C PHE A 168 -12.52 -8.58 -3.28
N LYS A 169 -12.62 -7.43 -3.96
CA LYS A 169 -12.28 -6.12 -3.34
C LYS A 169 -13.52 -5.37 -2.84
N THR A 170 -13.42 -4.88 -1.64
CA THR A 170 -14.42 -3.97 -1.06
C THR A 170 -13.89 -2.54 -1.15
N ILE A 171 -14.73 -1.60 -1.54
CA ILE A 171 -14.35 -0.15 -1.64
C ILE A 171 -15.41 0.62 -0.81
N ILE A 172 -14.93 1.31 0.21
CA ILE A 172 -15.78 2.20 0.99
C ILE A 172 -15.33 3.66 0.77
N GLY A 173 -16.26 4.54 0.41
CA GLY A 173 -16.00 5.94 0.20
C GLY A 173 -15.72 6.75 1.45
N ASP A 174 -15.26 7.98 1.25
CA ASP A 174 -15.12 8.94 2.35
C ASP A 174 -16.44 9.12 3.14
N ASP A 175 -16.30 9.46 4.42
CA ASP A 175 -17.44 9.97 5.25
C ASP A 175 -18.52 8.94 5.48
N VAL A 176 -18.14 7.68 5.43
CA VAL A 176 -19.06 6.59 5.58
C VAL A 176 -19.11 6.15 7.03
N PHE A 177 -20.32 5.80 7.51
CA PHE A 177 -20.48 5.24 8.88
C PHE A 177 -20.88 3.79 8.68
N VAL A 178 -20.00 2.84 9.08
CA VAL A 178 -20.33 1.43 9.01
C VAL A 178 -20.81 0.95 10.38
N GLY A 179 -22.12 0.68 10.49
CA GLY A 179 -22.65 0.20 11.75
C GLY A 179 -22.01 -1.12 12.22
N SER A 180 -22.06 -1.37 13.52
CA SER A 180 -21.42 -2.60 14.07
C SER A 180 -21.94 -3.87 13.46
N ASP A 181 -21.05 -4.87 13.39
CA ASP A 181 -21.43 -6.20 12.91
C ASP A 181 -21.94 -6.23 11.45
N THR A 182 -21.52 -5.24 10.65
CA THR A 182 -21.78 -5.28 9.24
C THR A 182 -20.96 -6.35 8.49
N GLN A 183 -21.60 -7.15 7.63
CA GLN A 183 -20.85 -8.01 6.74
C GLN A 183 -20.81 -7.38 5.33
N LEU A 184 -19.58 -7.10 4.84
CA LEU A 184 -19.43 -6.48 3.50
C LEU A 184 -19.19 -7.62 2.56
N VAL A 185 -20.16 -7.96 1.74
CA VAL A 185 -19.92 -9.10 0.84
C VAL A 185 -19.27 -8.63 -0.50
N ALA A 186 -17.95 -8.86 -0.59
CA ALA A 186 -17.16 -8.42 -1.74
C ALA A 186 -17.50 -9.20 -3.01
N PRO A 187 -17.41 -8.56 -4.21
CA PRO A 187 -16.98 -7.16 -4.46
C PRO A 187 -18.16 -6.24 -4.18
N VAL A 188 -17.91 -5.10 -3.49
CA VAL A 188 -19.04 -4.20 -3.19
C VAL A 188 -18.50 -2.80 -2.99
N THR A 189 -19.28 -1.78 -3.32
CA THR A 189 -18.82 -0.41 -3.17
C THR A 189 -19.88 0.33 -2.40
N VAL A 190 -19.44 1.10 -1.43
CA VAL A 190 -20.27 1.92 -0.59
C VAL A 190 -19.89 3.38 -0.86
N GLY A 191 -20.88 4.14 -1.35
CA GLY A 191 -20.66 5.51 -1.79
C GLY A 191 -20.34 6.48 -0.68
N LYS A 192 -19.62 7.54 -1.03
CA LYS A 192 -19.27 8.61 -0.11
C LYS A 192 -20.51 9.04 0.78
N GLY A 193 -20.30 9.27 2.09
CA GLY A 193 -21.37 9.78 2.94
C GLY A 193 -22.46 8.78 3.37
N ALA A 194 -22.40 7.55 2.89
CA ALA A 194 -23.47 6.57 3.16
C ALA A 194 -23.43 6.07 4.60
N THR A 195 -24.48 5.39 5.02
CA THR A 195 -24.53 4.86 6.38
C THR A 195 -25.00 3.41 6.20
N ILE A 196 -24.27 2.47 6.80
CA ILE A 196 -24.72 1.12 6.91
C ILE A 196 -25.23 0.86 8.33
N ALA A 197 -26.49 0.45 8.39
CA ALA A 197 -27.14 0.15 9.65
C ALA A 197 -26.40 -0.99 10.37
N ALA A 198 -26.27 -0.92 11.69
CA ALA A 198 -25.72 -2.09 12.43
C ALA A 198 -26.35 -3.38 11.98
N GLY A 199 -25.53 -4.43 11.81
CA GLY A 199 -26.06 -5.80 11.58
C GLY A 199 -26.39 -6.08 10.13
N THR A 200 -26.07 -5.16 9.22
CA THR A 200 -26.51 -5.31 7.83
C THR A 200 -25.62 -6.31 7.09
N THR A 201 -26.20 -7.12 6.21
CA THR A 201 -25.40 -7.92 5.28
C THR A 201 -25.43 -7.21 3.98
N VAL A 202 -24.30 -6.60 3.60
CA VAL A 202 -24.23 -5.74 2.42
C VAL A 202 -23.91 -6.58 1.20
N THR A 203 -24.89 -6.82 0.33
CA THR A 203 -24.60 -7.61 -0.84
C THR A 203 -24.65 -6.77 -2.11
N ARG A 204 -25.15 -5.53 -2.04
CA ARG A 204 -25.35 -4.67 -3.22
C ARG A 204 -24.71 -3.29 -2.99
N ASN A 205 -24.25 -2.65 -4.06
CA ASN A 205 -23.56 -1.36 -3.94
C ASN A 205 -24.47 -0.36 -3.21
N VAL A 206 -23.89 0.50 -2.37
CA VAL A 206 -24.70 1.49 -1.62
C VAL A 206 -24.46 2.87 -2.20
N GLY A 207 -25.55 3.57 -2.50
CA GLY A 207 -25.44 4.94 -3.07
C GLY A 207 -24.87 5.99 -2.13
N GLU A 208 -24.24 7.03 -2.70
CA GLU A 208 -23.77 8.12 -1.92
C GLU A 208 -24.89 8.64 -1.03
N ASN A 209 -24.55 9.06 0.19
CA ASN A 209 -25.54 9.59 1.12
C ASN A 209 -26.79 8.74 1.39
N ALA A 210 -26.71 7.43 1.14
CA ALA A 210 -27.85 6.54 1.36
C ALA A 210 -27.68 5.77 2.67
N LEU A 211 -28.77 5.43 3.32
CA LEU A 211 -28.75 4.40 4.39
C LEU A 211 -29.05 3.02 3.79
N ALA A 212 -28.17 2.05 4.04
CA ALA A 212 -28.43 0.64 3.64
C ALA A 212 -28.82 -0.17 4.90
N ILE A 213 -29.83 -1.04 4.76
CA ILE A 213 -30.33 -1.77 5.91
C ILE A 213 -30.90 -3.10 5.45
N SER A 214 -30.86 -4.13 6.30
CA SER A 214 -31.44 -5.46 5.98
C SER A 214 -31.81 -6.06 7.32
N ARG A 215 -32.92 -5.60 7.88
CA ARG A 215 -33.20 -5.82 9.29
C ARG A 215 -34.64 -6.29 9.45
N VAL A 216 -34.83 -7.33 10.27
CA VAL A 216 -36.19 -7.80 10.64
C VAL A 216 -36.60 -6.93 11.81
N PRO A 217 -37.84 -6.38 11.83
CA PRO A 217 -38.32 -5.71 13.06
C PRO A 217 -38.19 -6.59 14.32
N GLN A 218 -37.71 -6.00 15.41
CA GLN A 218 -37.71 -6.64 16.72
C GLN A 218 -39.09 -7.01 17.23
N THR A 219 -39.27 -8.25 17.69
CA THR A 219 -40.46 -8.56 18.42
C THR A 219 -40.17 -9.23 19.74
N GLN A 220 -41.21 -9.48 20.47
CA GLN A 220 -41.11 -9.87 21.82
C GLN A 220 -42.19 -10.92 22.18
N LYS A 221 -41.81 -11.95 22.90
CA LYS A 221 -42.81 -12.87 23.42
C LYS A 221 -42.74 -12.77 24.92
N GLU A 222 -43.90 -12.68 25.55
CA GLU A 222 -43.99 -12.47 26.98
C GLU A 222 -43.83 -13.77 27.76
N GLY A 223 -43.21 -13.68 28.93
CA GLY A 223 -43.16 -14.83 29.84
C GLY A 223 -42.36 -16.03 29.30
N TRP A 224 -41.20 -15.77 28.73
CA TRP A 224 -40.36 -16.80 28.16
C TRP A 224 -39.49 -17.41 29.22
N ARG A 225 -39.68 -18.70 29.48
CA ARG A 225 -38.86 -19.46 30.42
C ARG A 225 -37.71 -20.17 29.70
N ARG A 226 -36.47 -19.88 30.08
CA ARG A 226 -35.30 -20.63 29.67
C ARG A 226 -35.25 -22.05 30.33
N PRO A 227 -34.59 -23.07 29.69
CA PRO A 227 -34.56 -24.40 30.33
C PRO A 227 -33.77 -24.37 31.62
N VAL A 228 -34.17 -25.17 32.61
CA VAL A 228 -33.56 -25.12 33.94
C VAL A 228 -32.20 -25.84 33.99
N SER B 8 -21.70 -15.64 -24.99
CA SER B 8 -20.57 -14.83 -25.62
C SER B 8 -21.12 -13.64 -26.36
N ARG B 9 -22.03 -13.91 -27.32
CA ARG B 9 -22.74 -12.84 -27.96
C ARG B 9 -23.56 -12.18 -26.86
N LEU B 10 -24.18 -12.99 -25.98
CA LEU B 10 -24.96 -12.44 -24.83
C LEU B 10 -24.12 -11.52 -23.94
N GLU B 11 -23.02 -12.06 -23.44
CA GLU B 11 -22.03 -11.30 -22.69
C GLU B 11 -21.57 -9.98 -23.40
N ARG B 12 -21.33 -10.01 -24.71
CA ARG B 12 -20.96 -8.81 -25.49
C ARG B 12 -22.07 -7.73 -25.45
N VAL B 13 -23.32 -8.16 -25.60
CA VAL B 13 -24.47 -7.27 -25.43
C VAL B 13 -24.45 -6.59 -24.04
N TYR B 14 -24.15 -7.36 -23.00
CA TYR B 14 -24.12 -6.76 -21.72
C TYR B 14 -22.94 -5.73 -21.61
N GLN B 15 -21.83 -5.98 -22.29
CA GLN B 15 -20.77 -4.91 -22.38
C GLN B 15 -21.31 -3.63 -23.02
N SER B 16 -22.15 -3.78 -24.05
CA SER B 16 -22.71 -2.63 -24.73
C SER B 16 -23.62 -1.85 -23.81
N GLU B 17 -24.39 -2.57 -22.98
CA GLU B 17 -25.32 -1.96 -22.04
C GLU B 17 -24.54 -1.07 -21.07
N GLN B 18 -23.54 -1.68 -20.45
CA GLN B 18 -22.64 -0.98 -19.55
C GLN B 18 -21.94 0.27 -20.18
N ALA B 19 -21.37 0.12 -21.39
CA ALA B 19 -20.79 1.25 -22.16
C ALA B 19 -21.85 2.40 -22.29
N GLU B 20 -23.02 2.06 -22.80
CA GLU B 20 -24.12 3.05 -22.86
C GLU B 20 -24.45 3.73 -21.53
N LYS B 21 -24.48 2.96 -20.45
CA LYS B 21 -24.82 3.53 -19.16
C LYS B 21 -23.71 4.47 -18.71
N LEU B 22 -22.47 4.11 -19.00
CA LEU B 22 -21.36 5.00 -18.67
C LEU B 22 -21.39 6.36 -19.42
N LEU B 23 -21.69 6.30 -20.72
CA LEU B 23 -21.92 7.51 -21.51
C LEU B 23 -23.01 8.33 -20.82
N LEU B 24 -24.13 7.69 -20.49
CA LEU B 24 -25.23 8.45 -19.86
C LEU B 24 -24.83 9.07 -18.51
N ALA B 25 -23.91 8.44 -17.80
CA ALA B 25 -23.50 8.91 -16.51
C ALA B 25 -22.36 9.91 -16.67
N GLY B 26 -21.93 10.23 -17.90
CA GLY B 26 -21.03 11.36 -18.10
C GLY B 26 -19.58 11.00 -18.38
N VAL B 27 -19.29 9.70 -18.59
CA VAL B 27 -17.90 9.29 -18.90
C VAL B 27 -17.72 9.51 -20.40
N MET B 28 -16.57 10.07 -20.78
CA MET B 28 -16.31 10.09 -22.19
C MET B 28 -15.58 8.83 -22.65
N LEU B 29 -16.32 7.99 -23.37
CA LEU B 29 -15.70 6.83 -24.03
C LEU B 29 -15.44 7.17 -25.45
N ARG B 30 -14.18 7.07 -25.91
CA ARG B 30 -13.94 7.25 -27.36
C ARG B 30 -14.59 6.29 -28.30
N ASP B 31 -14.78 5.04 -27.86
CA ASP B 31 -15.53 4.10 -28.70
C ASP B 31 -16.22 3.15 -27.77
N PRO B 32 -17.54 3.38 -27.58
CA PRO B 32 -18.35 2.46 -26.76
C PRO B 32 -18.26 0.97 -27.22
N ALA B 33 -18.02 0.69 -28.52
CA ALA B 33 -17.94 -0.68 -29.02
C ALA B 33 -16.56 -1.28 -28.67
N ARG B 34 -15.61 -0.44 -28.21
CA ARG B 34 -14.28 -0.93 -27.86
C ARG B 34 -14.01 -0.54 -26.44
N PHE B 35 -14.87 -1.02 -25.56
CA PHE B 35 -14.69 -0.85 -24.12
C PHE B 35 -15.17 -2.12 -23.37
N ASP B 36 -14.49 -2.52 -22.30
CA ASP B 36 -14.96 -3.72 -21.60
C ASP B 36 -14.94 -3.47 -20.11
N LEU B 37 -15.99 -3.88 -19.42
CA LEU B 37 -16.04 -3.72 -17.97
C LEU B 37 -16.50 -5.05 -17.43
N ARG B 38 -15.60 -5.69 -16.69
CA ARG B 38 -15.90 -6.99 -16.08
C ARG B 38 -15.83 -6.82 -14.55
N GLY B 39 -16.86 -6.22 -13.97
CA GLY B 39 -16.88 -5.94 -12.53
C GLY B 39 -17.61 -4.64 -12.37
N THR B 40 -17.09 -3.75 -11.53
CA THR B 40 -17.83 -2.51 -11.28
C THR B 40 -16.86 -1.36 -11.32
N LEU B 41 -17.31 -0.26 -11.92
CA LEU B 41 -16.50 0.93 -12.05
C LEU B 41 -17.29 2.07 -11.38
N THR B 42 -16.68 2.76 -10.45
CA THR B 42 -17.16 4.01 -9.85
C THR B 42 -16.24 5.11 -10.42
N HIS B 43 -16.79 6.30 -10.69
CA HIS B 43 -16.00 7.35 -11.36
C HIS B 43 -16.46 8.72 -10.92
N GLY B 44 -15.56 9.71 -11.05
CA GLY B 44 -15.94 11.09 -10.81
C GLY B 44 -16.36 11.71 -12.13
N ARG B 45 -16.26 13.03 -12.17
CA ARG B 45 -16.66 13.80 -13.35
C ARG B 45 -15.51 13.91 -14.35
N ASP B 46 -15.84 14.07 -15.62
CA ASP B 46 -14.85 14.46 -16.68
C ASP B 46 -13.82 13.40 -16.91
N VAL B 47 -14.20 12.14 -16.69
CA VAL B 47 -13.30 11.03 -16.92
C VAL B 47 -13.26 10.72 -18.43
N GLU B 48 -12.07 10.48 -18.96
CA GLU B 48 -11.91 10.15 -20.38
C GLU B 48 -11.27 8.80 -20.58
N ILE B 49 -11.97 7.91 -21.28
CA ILE B 49 -11.43 6.57 -21.51
C ILE B 49 -11.24 6.32 -23.03
N ASP B 50 -10.02 5.98 -23.44
CA ASP B 50 -9.78 5.76 -24.86
C ASP B 50 -10.18 4.35 -25.33
N THR B 51 -9.92 4.06 -26.59
CA THR B 51 -10.24 2.73 -27.18
C THR B 51 -9.55 1.54 -26.47
N ASN B 52 -10.25 0.41 -26.47
CA ASN B 52 -9.66 -0.89 -26.06
C ASN B 52 -9.24 -1.00 -24.59
N VAL B 53 -9.88 -0.21 -23.74
CA VAL B 53 -9.62 -0.35 -22.32
C VAL B 53 -10.47 -1.47 -21.71
N ILE B 54 -9.90 -2.18 -20.75
CA ILE B 54 -10.58 -3.26 -20.00
C ILE B 54 -10.47 -2.93 -18.51
N ILE B 55 -11.65 -2.83 -17.89
CA ILE B 55 -11.76 -2.57 -16.45
C ILE B 55 -12.22 -3.90 -15.83
N GLU B 56 -11.45 -4.37 -14.84
CA GLU B 56 -11.69 -5.70 -14.24
C GLU B 56 -11.84 -5.60 -12.74
N GLY B 57 -12.70 -6.44 -12.15
CA GLY B 57 -12.86 -6.44 -10.67
C GLY B 57 -13.56 -5.16 -10.22
N ASN B 58 -13.15 -4.56 -9.12
CA ASN B 58 -13.86 -3.41 -8.55
C ASN B 58 -12.92 -2.24 -8.63
N VAL B 59 -13.23 -1.21 -9.43
CA VAL B 59 -12.25 -0.18 -9.71
C VAL B 59 -12.91 1.18 -9.40
N THR B 60 -12.12 2.09 -8.86
CA THR B 60 -12.70 3.40 -8.61
C THR B 60 -11.74 4.47 -9.18
N LEU B 61 -12.33 5.44 -9.89
CA LEU B 61 -11.59 6.53 -10.53
C LEU B 61 -12.09 7.87 -9.99
N GLY B 62 -11.17 8.78 -9.72
CA GLY B 62 -11.55 10.14 -9.27
C GLY B 62 -11.93 11.01 -10.47
N HIS B 63 -11.91 12.33 -10.25
CA HIS B 63 -12.24 13.25 -11.30
C HIS B 63 -11.15 13.48 -12.28
N ARG B 64 -11.56 13.72 -13.51
CA ARG B 64 -10.60 14.13 -14.53
C ARG B 64 -9.53 13.10 -14.83
N VAL B 65 -9.82 11.84 -14.57
CA VAL B 65 -8.85 10.77 -14.88
C VAL B 65 -8.89 10.49 -16.39
N LYS B 66 -7.72 10.33 -17.00
CA LYS B 66 -7.57 10.10 -18.47
C LYS B 66 -6.89 8.79 -18.65
N ILE B 67 -7.56 7.88 -19.36
CA ILE B 67 -7.02 6.54 -19.56
C ILE B 67 -6.79 6.36 -21.05
N GLY B 68 -5.51 6.17 -21.44
CA GLY B 68 -5.14 5.99 -22.82
C GLY B 68 -5.50 4.64 -23.43
N THR B 69 -5.24 4.51 -24.74
CA THR B 69 -5.66 3.29 -25.46
C THR B 69 -5.03 1.97 -24.97
N GLY B 70 -5.81 0.90 -24.93
CA GLY B 70 -5.24 -0.39 -24.58
C GLY B 70 -4.94 -0.63 -23.10
N CYS B 71 -5.27 0.24 -22.15
CA CYS B 71 -4.96 -0.08 -20.74
C CYS B 71 -5.89 -1.16 -20.14
N VAL B 72 -5.35 -1.88 -19.15
CA VAL B 72 -6.08 -2.89 -18.41
C VAL B 72 -5.92 -2.49 -16.95
N ILE B 73 -7.06 -2.17 -16.35
CA ILE B 73 -7.03 -1.74 -14.93
C ILE B 73 -7.91 -2.67 -14.08
N LYS B 74 -7.33 -3.30 -13.04
CA LYS B 74 -8.03 -4.32 -12.29
C LYS B 74 -7.91 -4.03 -10.79
N ASN B 75 -9.05 -4.02 -10.09
CA ASN B 75 -9.10 -3.85 -8.60
C ASN B 75 -8.23 -2.74 -8.05
N SER B 76 -8.28 -1.56 -8.68
CA SER B 76 -7.32 -0.51 -8.38
C SER B 76 -8.06 0.75 -8.02
N VAL B 77 -7.34 1.69 -7.38
CA VAL B 77 -7.98 2.97 -7.08
C VAL B 77 -7.16 4.11 -7.62
N ILE B 78 -7.82 4.95 -8.41
CA ILE B 78 -7.08 5.91 -9.21
C ILE B 78 -7.53 7.33 -8.86
N GLY B 79 -6.62 8.14 -8.32
CA GLY B 79 -7.01 9.42 -7.71
C GLY B 79 -7.26 10.47 -8.78
N ASP B 80 -7.77 11.65 -8.34
CA ASP B 80 -8.14 12.73 -9.27
C ASP B 80 -6.94 13.13 -10.14
N ASP B 81 -7.22 13.46 -11.41
CA ASP B 81 -6.21 13.99 -12.31
C ASP B 81 -5.10 13.07 -12.76
N CYS B 82 -5.19 11.77 -12.48
CA CYS B 82 -4.21 10.87 -12.97
C CYS B 82 -4.30 10.72 -14.47
N GLU B 83 -3.16 10.45 -15.12
CA GLU B 83 -3.12 10.21 -16.57
C GLU B 83 -2.43 8.89 -16.79
N ILE B 84 -3.17 7.92 -17.29
CA ILE B 84 -2.57 6.62 -17.50
C ILE B 84 -2.32 6.51 -19.04
N SER B 85 -1.07 6.47 -19.47
CA SER B 85 -0.76 6.52 -20.93
C SER B 85 -0.96 5.15 -21.57
N PRO B 86 -0.93 5.05 -22.91
CA PRO B 86 -1.28 3.76 -23.61
C PRO B 86 -0.55 2.47 -23.15
N TYR B 87 -1.26 1.36 -23.24
CA TYR B 87 -0.65 0.03 -23.06
C TYR B 87 0.01 -0.04 -21.69
N THR B 88 -0.78 0.31 -20.67
CA THR B 88 -0.32 0.22 -19.30
C THR B 88 -1.22 -0.79 -18.57
N VAL B 89 -0.62 -1.68 -17.77
CA VAL B 89 -1.38 -2.72 -17.04
C VAL B 89 -1.28 -2.38 -15.58
N VAL B 90 -2.42 -2.21 -14.92
CA VAL B 90 -2.49 -1.85 -13.48
C VAL B 90 -3.37 -2.86 -12.69
N GLU B 91 -2.77 -3.56 -11.70
CA GLU B 91 -3.49 -4.59 -10.95
C GLU B 91 -3.32 -4.42 -9.42
N ASP B 92 -4.43 -4.27 -8.70
CA ASP B 92 -4.40 -4.05 -7.24
C ASP B 92 -3.46 -2.95 -6.82
N ALA B 93 -3.58 -1.81 -7.47
CA ALA B 93 -2.73 -0.67 -7.25
C ALA B 93 -3.53 0.51 -6.78
N ASN B 94 -2.86 1.39 -6.03
CA ASN B 94 -3.43 2.69 -5.64
C ASN B 94 -2.58 3.81 -6.19
N LEU B 95 -3.22 4.78 -6.87
CA LEU B 95 -2.54 6.01 -7.31
C LEU B 95 -3.22 7.15 -6.62
N ALA B 96 -2.42 7.98 -5.96
CA ALA B 96 -2.90 9.24 -5.42
C ALA B 96 -3.17 10.21 -6.59
N ALA B 97 -3.60 11.42 -6.25
CA ALA B 97 -3.96 12.42 -7.25
C ALA B 97 -2.71 12.71 -8.15
N ALA B 98 -2.98 13.15 -9.38
CA ALA B 98 -1.95 13.74 -10.22
C ALA B 98 -0.74 12.86 -10.56
N CYS B 99 -0.84 11.51 -10.46
CA CYS B 99 0.19 10.63 -10.96
C CYS B 99 0.09 10.48 -12.44
N THR B 100 1.24 10.22 -13.06
CA THR B 100 1.30 9.91 -14.52
C THR B 100 2.08 8.59 -14.65
N ILE B 101 1.47 7.60 -15.30
CA ILE B 101 2.16 6.32 -15.53
C ILE B 101 2.08 5.93 -17.03
N GLY B 102 3.11 5.23 -17.54
CA GLY B 102 3.04 4.65 -18.88
C GLY B 102 3.71 5.65 -19.84
N PRO B 103 3.71 5.35 -21.15
CA PRO B 103 3.11 4.11 -21.70
C PRO B 103 3.91 2.85 -21.36
N PHE B 104 3.35 1.65 -21.55
CA PHE B 104 4.11 0.38 -21.28
C PHE B 104 4.62 0.30 -19.83
N ALA B 105 3.78 0.76 -18.87
CA ALA B 105 4.07 0.53 -17.45
C ALA B 105 3.27 -0.69 -16.99
N ARG B 106 3.77 -1.36 -15.95
CA ARG B 106 3.16 -2.56 -15.47
C ARG B 106 3.17 -2.43 -13.94
N LEU B 107 2.00 -2.21 -13.37
CA LEU B 107 1.91 -2.21 -11.90
C LEU B 107 1.22 -3.50 -11.44
N ARG B 108 1.94 -4.25 -10.60
CA ARG B 108 1.41 -5.50 -10.01
C ARG B 108 0.83 -5.23 -8.61
N PRO B 109 0.19 -6.24 -7.99
CA PRO B 109 -0.38 -6.02 -6.68
C PRO B 109 0.58 -5.37 -5.66
N GLY B 110 0.04 -4.39 -4.94
CA GLY B 110 0.76 -3.76 -3.87
C GLY B 110 1.53 -2.54 -4.35
N ALA B 111 1.40 -2.13 -5.62
CA ALA B 111 1.98 -0.85 -6.09
C ALA B 111 1.17 0.29 -5.51
N GLU B 112 1.87 1.24 -4.88
CA GLU B 112 1.23 2.33 -4.13
C GLU B 112 2.01 3.59 -4.61
N LEU B 113 1.36 4.45 -5.40
CA LEU B 113 1.97 5.71 -5.85
C LEU B 113 1.40 6.94 -5.09
N LEU B 114 2.27 7.76 -4.55
CA LEU B 114 1.81 8.92 -3.77
C LEU B 114 1.68 10.11 -4.74
N GLU B 115 1.25 11.25 -4.22
CA GLU B 115 0.76 12.30 -5.09
C GLU B 115 1.83 12.75 -6.08
N GLY B 116 1.46 12.83 -7.35
CA GLY B 116 2.40 13.38 -8.33
C GLY B 116 3.50 12.39 -8.78
N ALA B 117 3.50 11.15 -8.33
CA ALA B 117 4.55 10.19 -8.69
C ALA B 117 4.51 9.95 -10.20
N HIS B 118 5.63 9.53 -10.79
CA HIS B 118 5.67 9.23 -12.22
C HIS B 118 6.33 7.90 -12.46
N VAL B 119 5.75 7.08 -13.32
CA VAL B 119 6.33 5.79 -13.71
C VAL B 119 6.30 5.78 -15.26
N GLY B 120 7.48 5.52 -15.89
CA GLY B 120 7.69 5.66 -17.33
C GLY B 120 7.61 4.33 -18.04
N ASN B 121 8.17 4.28 -19.23
CA ASN B 121 8.05 3.08 -20.06
C ASN B 121 8.93 1.94 -19.57
N PHE B 122 8.39 0.72 -19.67
CA PHE B 122 9.13 -0.48 -19.39
C PHE B 122 9.61 -0.50 -17.93
N VAL B 123 8.70 -0.13 -17.03
CA VAL B 123 8.92 -0.06 -15.58
C VAL B 123 7.89 -0.94 -14.94
N GLU B 124 8.34 -1.88 -14.09
CA GLU B 124 7.42 -2.76 -13.36
C GLU B 124 7.50 -2.40 -11.84
N MET B 125 6.35 -2.27 -11.16
CA MET B 125 6.35 -2.20 -9.68
C MET B 125 5.56 -3.38 -9.11
N LYS B 126 6.01 -3.93 -7.95
CA LYS B 126 5.29 -4.96 -7.20
C LYS B 126 5.49 -4.73 -5.72
N LYS B 127 4.42 -4.58 -4.91
CA LYS B 127 4.59 -4.37 -3.44
C LYS B 127 5.64 -3.29 -3.16
N ALA B 128 5.47 -2.14 -3.78
CA ALA B 128 6.45 -1.10 -3.74
C ALA B 128 5.70 0.22 -3.65
N ARG B 129 6.16 1.11 -2.75
CA ARG B 129 5.54 2.43 -2.61
C ARG B 129 6.50 3.50 -3.22
N LEU B 130 5.96 4.33 -4.10
CA LEU B 130 6.71 5.42 -4.73
C LEU B 130 6.18 6.81 -4.26
N GLY B 131 7.07 7.53 -3.58
CA GLY B 131 6.72 8.75 -2.82
C GLY B 131 6.27 9.92 -3.69
N LYS B 132 5.93 11.00 -2.99
CA LYS B 132 5.35 12.17 -3.62
C LYS B 132 6.36 12.80 -4.57
N GLY B 133 5.98 13.05 -5.82
CA GLY B 133 6.88 13.77 -6.75
C GLY B 133 8.05 12.86 -7.19
N SER B 134 8.06 11.56 -6.85
CA SER B 134 9.21 10.73 -7.18
C SER B 134 9.02 10.08 -8.54
N LYS B 135 10.14 9.73 -9.18
CA LYS B 135 10.05 9.32 -10.62
C LYS B 135 10.85 8.08 -10.89
N ALA B 136 10.27 7.17 -11.67
CA ALA B 136 11.00 5.98 -12.12
C ALA B 136 10.67 5.87 -13.63
N GLY B 137 11.44 6.59 -14.41
CA GLY B 137 11.11 6.86 -15.83
C GLY B 137 11.36 5.72 -16.85
N HIS B 138 12.22 4.74 -16.53
CA HIS B 138 12.63 3.81 -17.59
C HIS B 138 13.23 2.52 -17.14
N LEU B 139 12.77 1.43 -17.78
CA LEU B 139 13.51 0.20 -17.84
C LEU B 139 13.94 -0.21 -16.45
N THR B 140 12.97 -0.26 -15.52
CA THR B 140 13.20 -0.44 -14.07
C THR B 140 12.28 -1.46 -13.45
N TYR B 141 12.80 -2.21 -12.49
CA TYR B 141 11.97 -3.06 -11.62
C TYR B 141 12.15 -2.67 -10.16
N LEU B 142 11.04 -2.33 -9.50
CA LEU B 142 10.97 -2.02 -8.09
C LEU B 142 9.98 -3.01 -7.44
N GLY B 143 10.54 -3.90 -6.60
CA GLY B 143 9.76 -4.97 -5.90
C GLY B 143 10.12 -4.94 -4.41
N ASP B 144 9.13 -5.02 -3.55
CA ASP B 144 9.35 -5.06 -2.10
C ASP B 144 10.17 -3.85 -1.67
N ALA B 145 9.71 -2.66 -1.99
CA ALA B 145 10.56 -1.46 -1.82
C ALA B 145 9.76 -0.30 -1.26
N GLU B 146 10.38 0.49 -0.41
CA GLU B 146 9.83 1.75 0.02
C GLU B 146 10.73 2.82 -0.67
N ILE B 147 10.12 3.70 -1.44
CA ILE B 147 10.85 4.83 -2.00
C ILE B 147 10.25 6.16 -1.51
N GLY B 148 11.08 7.01 -0.93
CA GLY B 148 10.56 8.22 -0.32
C GLY B 148 10.13 9.29 -1.29
N ASP B 149 10.00 10.53 -0.80
CA ASP B 149 9.53 11.68 -1.63
C ASP B 149 10.69 12.38 -2.41
N ASN B 150 10.39 12.92 -3.61
CA ASN B 150 11.38 13.69 -4.40
C ASN B 150 12.66 12.82 -4.71
N VAL B 151 12.43 11.56 -5.06
CA VAL B 151 13.51 10.64 -5.39
C VAL B 151 13.54 10.47 -6.91
N ASN B 152 14.73 10.50 -7.53
CA ASN B 152 14.85 10.13 -8.90
C ASN B 152 15.46 8.69 -9.04
N ILE B 153 14.72 7.76 -9.65
CA ILE B 153 15.18 6.41 -9.87
C ILE B 153 15.68 6.34 -11.33
N GLY B 154 17.00 6.31 -11.51
CA GLY B 154 17.57 6.37 -12.85
C GLY B 154 17.16 5.14 -13.69
N ALA B 155 17.11 5.32 -14.99
CA ALA B 155 16.84 4.24 -15.93
C ALA B 155 17.66 3.03 -15.60
N GLY B 156 17.07 1.83 -15.69
CA GLY B 156 17.92 0.61 -15.53
C GLY B 156 18.08 0.17 -14.07
N THR B 157 17.54 0.91 -13.13
CA THR B 157 17.63 0.49 -11.69
C THR B 157 16.78 -0.76 -11.39
N ILE B 158 17.34 -1.66 -10.59
CA ILE B 158 16.67 -2.92 -10.23
C ILE B 158 16.84 -3.20 -8.74
N THR B 159 15.71 -3.47 -8.06
CA THR B 159 15.76 -4.06 -6.73
C THR B 159 16.08 -5.56 -6.84
N CYS B 160 17.20 -5.97 -6.26
CA CYS B 160 17.54 -7.38 -6.15
C CYS B 160 16.85 -7.85 -4.86
N ASN B 161 15.59 -8.30 -5.02
CA ASN B 161 14.72 -8.52 -3.87
C ASN B 161 14.58 -9.98 -3.48
N TYR B 162 15.02 -10.88 -4.34
CA TYR B 162 14.66 -12.28 -4.21
C TYR B 162 15.94 -13.04 -4.37
N ASP B 163 16.30 -13.87 -3.41
CA ASP B 163 17.61 -14.60 -3.49
C ASP B 163 17.45 -16.08 -3.84
N GLY B 164 16.26 -16.46 -4.31
CA GLY B 164 15.99 -17.86 -4.58
C GLY B 164 15.31 -18.56 -3.42
N ALA B 165 15.27 -17.95 -2.25
CA ALA B 165 14.61 -18.60 -1.12
C ALA B 165 13.63 -17.62 -0.50
N ASN B 166 13.99 -16.34 -0.37
CA ASN B 166 13.15 -15.38 0.32
C ASN B 166 13.14 -14.05 -0.36
N LYS B 167 12.20 -13.18 0.00
CA LYS B 167 12.23 -11.79 -0.50
C LYS B 167 12.66 -10.84 0.57
N PHE B 168 13.32 -9.77 0.17
CA PHE B 168 13.87 -8.78 1.12
C PHE B 168 13.56 -7.36 0.71
N LYS B 169 13.49 -6.46 1.69
CA LYS B 169 12.98 -5.06 1.50
C LYS B 169 14.11 -4.05 1.29
N THR B 170 13.95 -3.26 0.26
CA THR B 170 14.74 -2.08 0.01
C THR B 170 14.02 -0.84 0.57
N ILE B 171 14.74 0.02 1.30
CA ILE B 171 14.18 1.35 1.73
C ILE B 171 15.09 2.46 1.15
N ILE B 172 14.50 3.38 0.39
CA ILE B 172 15.19 4.57 -0.12
C ILE B 172 14.55 5.82 0.55
N GLY B 173 15.36 6.62 1.26
CA GLY B 173 14.89 7.84 1.89
C GLY B 173 14.54 8.97 0.90
N ASP B 174 13.96 10.07 1.41
CA ASP B 174 13.58 11.22 0.61
C ASP B 174 14.83 11.83 -0.05
N ASP B 175 14.64 12.57 -1.17
CA ASP B 175 15.67 13.38 -1.81
C ASP B 175 16.90 12.61 -2.27
N VAL B 176 16.74 11.32 -2.56
CA VAL B 176 17.84 10.48 -3.04
C VAL B 176 17.91 10.48 -4.56
N PHE B 177 19.12 10.48 -5.12
CA PHE B 177 19.26 10.39 -6.56
C PHE B 177 19.87 9.02 -6.82
N VAL B 178 19.15 8.16 -7.53
CA VAL B 178 19.69 6.85 -7.83
C VAL B 178 20.13 6.88 -9.28
N GLY B 179 21.45 6.79 -9.48
CA GLY B 179 22.06 6.81 -10.81
C GLY B 179 21.59 5.62 -11.65
N SER B 180 21.72 5.72 -12.97
CA SER B 180 21.16 4.67 -13.84
C SER B 180 21.84 3.32 -13.64
N ASP B 181 21.06 2.27 -13.86
CA ASP B 181 21.61 0.91 -13.81
C ASP B 181 22.22 0.54 -12.45
N THR B 182 21.70 1.13 -11.39
CA THR B 182 22.06 0.67 -10.06
C THR B 182 21.39 -0.70 -9.72
N GLN B 183 22.12 -1.60 -9.04
CA GLN B 183 21.49 -2.81 -8.48
C GLN B 183 21.41 -2.61 -6.96
N LEU B 184 20.16 -2.65 -6.42
CA LEU B 184 19.96 -2.47 -4.97
C LEU B 184 19.87 -3.85 -4.42
N VAL B 185 20.91 -4.33 -3.76
CA VAL B 185 20.86 -5.68 -3.23
C VAL B 185 20.18 -5.71 -1.84
N ALA B 186 18.93 -6.09 -1.82
CA ALA B 186 18.14 -6.08 -0.56
C ALA B 186 18.55 -7.20 0.40
N PRO B 187 18.37 -7.03 1.76
CA PRO B 187 17.82 -5.82 2.41
C PRO B 187 18.88 -4.68 2.39
N VAL B 188 18.47 -3.45 2.07
CA VAL B 188 19.41 -2.36 2.08
C VAL B 188 18.64 -1.10 2.36
N THR B 189 19.29 -0.11 2.98
CA THR B 189 18.64 1.16 3.23
C THR B 189 19.55 2.25 2.68
N VAL B 190 18.93 3.20 2.00
CA VAL B 190 19.66 4.36 1.48
C VAL B 190 19.11 5.61 2.18
N GLY B 191 20.04 6.32 2.83
CA GLY B 191 19.69 7.45 3.71
C GLY B 191 19.18 8.67 2.92
N LYS B 192 18.38 9.48 3.58
CA LYS B 192 17.86 10.69 3.02
C LYS B 192 18.99 11.53 2.33
N GLY B 193 18.69 12.12 1.15
CA GLY B 193 19.66 13.03 0.54
C GLY B 193 20.86 12.37 -0.15
N ALA B 194 20.96 11.03 -0.12
CA ALA B 194 22.12 10.32 -0.68
C ALA B 194 22.11 10.30 -2.20
N THR B 195 23.27 9.98 -2.81
CA THR B 195 23.41 9.88 -4.23
C THR B 195 24.00 8.50 -4.54
N ILE B 196 23.37 7.75 -5.44
CA ILE B 196 24.02 6.52 -5.83
C ILE B 196 24.59 6.72 -7.23
N ALA B 197 25.91 6.48 -7.39
CA ALA B 197 26.53 6.62 -8.68
C ALA B 197 25.95 5.64 -9.73
N ALA B 198 25.72 6.09 -10.98
CA ALA B 198 25.33 5.16 -12.06
C ALA B 198 26.20 3.89 -12.02
N GLY B 199 25.55 2.75 -12.16
CA GLY B 199 26.25 1.49 -12.37
C GLY B 199 26.70 0.86 -11.06
N THR B 200 26.32 1.44 -9.92
CA THR B 200 26.76 0.91 -8.61
C THR B 200 25.99 -0.36 -8.25
N THR B 201 26.69 -1.34 -7.68
CA THR B 201 26.05 -2.44 -6.97
C THR B 201 26.03 -2.13 -5.48
N VAL B 202 24.81 -1.92 -4.96
CA VAL B 202 24.67 -1.42 -3.62
C VAL B 202 24.45 -2.64 -2.71
N THR B 203 25.50 -3.03 -1.98
CA THR B 203 25.41 -4.16 -1.07
C THR B 203 25.33 -3.69 0.38
N ARG B 204 25.65 -2.42 0.68
CA ARG B 204 25.71 -1.92 2.10
C ARG B 204 24.84 -0.69 2.30
N ASN B 205 24.31 -0.48 3.50
CA ASN B 205 23.51 0.74 3.73
C ASN B 205 24.26 2.01 3.35
N VAL B 206 23.54 3.02 2.82
CA VAL B 206 24.18 4.30 2.42
C VAL B 206 23.77 5.38 3.40
N GLY B 207 24.77 6.08 3.96
CA GLY B 207 24.47 7.23 4.86
C GLY B 207 23.69 8.41 4.24
N GLU B 208 22.95 9.15 5.10
CA GLU B 208 22.37 10.43 4.73
C GLU B 208 23.39 11.30 4.03
N ASN B 209 22.97 11.98 2.95
CA ASN B 209 23.85 12.87 2.21
C ASN B 209 25.20 12.31 1.76
N ALA B 210 25.33 10.99 1.62
CA ALA B 210 26.57 10.41 1.10
C ALA B 210 26.44 10.02 -0.37
N LEU B 211 27.54 10.06 -1.10
CA LEU B 211 27.67 9.38 -2.38
C LEU B 211 28.13 7.94 -2.15
N ALA B 212 27.36 6.98 -2.66
CA ALA B 212 27.81 5.56 -2.75
C ALA B 212 28.32 5.24 -4.20
N ILE B 213 29.39 4.48 -4.28
CA ILE B 213 30.04 4.23 -5.58
C ILE B 213 30.79 2.91 -5.55
N SER B 214 30.78 2.18 -6.67
CA SER B 214 31.55 0.91 -6.77
C SER B 214 32.05 0.75 -8.21
N ARG B 215 33.07 1.52 -8.56
CA ARG B 215 33.35 1.77 -9.99
C ARG B 215 34.83 1.54 -10.28
N VAL B 216 35.14 0.77 -11.34
CA VAL B 216 36.55 0.66 -11.86
C VAL B 216 36.81 1.93 -12.70
N PRO B 217 37.97 2.57 -12.54
CA PRO B 217 38.34 3.65 -13.50
C PRO B 217 38.37 3.15 -14.99
N GLN B 218 37.80 3.96 -15.87
CA GLN B 218 37.84 3.73 -17.30
C GLN B 218 39.25 3.73 -17.85
N THR B 219 39.59 2.78 -18.70
CA THR B 219 40.84 2.82 -19.41
C THR B 219 40.58 2.60 -20.86
N GLN B 220 41.61 2.80 -21.62
CA GLN B 220 41.49 2.75 -23.03
C GLN B 220 42.68 1.97 -23.61
N LYS B 221 42.38 1.15 -24.59
CA LYS B 221 43.46 0.55 -25.38
C LYS B 221 43.37 1.15 -26.76
N GLU B 222 44.50 1.56 -27.31
CA GLU B 222 44.55 2.25 -28.60
C GLU B 222 44.54 1.27 -29.75
N GLY B 223 43.85 1.63 -30.83
CA GLY B 223 44.01 0.91 -32.10
C GLY B 223 43.45 -0.50 -32.02
N TRP B 224 42.26 -0.65 -31.43
CA TRP B 224 41.66 -1.94 -31.20
C TRP B 224 40.79 -2.35 -32.36
N ARG B 225 41.11 -3.46 -33.02
CA ARG B 225 40.41 -3.90 -34.23
C ARG B 225 39.43 -4.97 -33.79
N ARG B 226 38.15 -4.79 -34.10
CA ARG B 226 37.12 -5.79 -33.83
C ARG B 226 37.25 -6.94 -34.86
N PRO B 227 36.72 -8.15 -34.58
CA PRO B 227 36.70 -9.29 -35.55
C PRO B 227 36.05 -9.05 -36.91
N VAL B 228 36.65 -9.58 -37.98
CA VAL B 228 36.05 -9.88 -39.32
C VAL B 228 34.57 -9.55 -39.52
C1 R82 C . -16.62 -12.88 -1.57
O2 R82 C . -16.64 -13.82 -0.46
C3 R82 C . -17.90 -14.28 -0.19
C4 R82 C . -18.93 -14.07 -1.12
C5 R82 C . -20.25 -14.56 -0.86
O6 R82 C . -21.31 -14.38 -1.78
C7 R82 C . -21.07 -13.69 -3.01
C8 R82 C . -20.52 -15.23 0.37
C9 R82 C . -19.45 -15.41 1.29
C10 R82 C . -18.15 -14.91 1.03
N11 R82 C . -17.07 -15.10 1.99
C12 R82 C . -17.20 -15.32 3.34
O13 R82 C . -18.26 -15.30 3.98
C14 R82 C . -15.92 -15.58 4.10
S15 R82 C . -22.16 -15.92 0.74
O16 R82 C . -23.20 -14.93 0.64
O17 R82 C . -21.93 -16.70 1.92
N18 R82 C . -22.32 -17.00 -0.50
C19 R82 C . -23.33 -16.90 -1.58
C20 R82 C . -24.65 -17.67 -1.39
C21 R82 C . -22.54 -17.28 -2.86
C22 R82 C . -21.32 -18.00 -2.33
C23 R82 C . -20.34 -18.72 -3.03
C24 R82 C . -19.34 -19.30 -2.27
C25 R82 C . -19.28 -19.18 -0.88
C26 R82 C . -20.23 -18.46 -0.18
C27 R82 C . -21.29 -17.87 -0.91
S SO4 D . -7.26 -14.12 4.07
O1 SO4 D . -8.24 -15.23 3.76
O2 SO4 D . -5.86 -14.40 3.68
O3 SO4 D . -7.22 -13.96 5.55
O4 SO4 D . -7.80 -12.92 3.39
C1 R82 E . 18.09 -10.48 -2.11
O2 R82 E . 18.33 -10.93 -3.47
C3 R82 E . 19.68 -11.07 -3.83
C4 R82 E . 20.69 -11.03 -2.86
C5 R82 E . 22.03 -11.25 -3.20
O6 R82 E . 23.03 -11.18 -2.22
C7 R82 E . 22.65 -11.08 -0.81
C8 R82 E . 22.33 -11.46 -4.58
C9 R82 E . 21.31 -11.52 -5.59
C10 R82 E . 19.98 -11.30 -5.22
N11 R82 E . 18.91 -11.36 -6.20
C12 R82 E . 19.04 -11.14 -7.52
O13 R82 E . 20.10 -10.81 -8.03
C14 R82 E . 17.81 -11.34 -8.37
S15 R82 E . 24.01 -11.83 -5.14
O16 R82 E . 24.90 -10.77 -4.76
O17 R82 E . 23.79 -12.34 -6.45
N18 R82 E . 24.31 -13.18 -4.23
C19 R82 E . 25.40 -13.26 -3.20
C20 R82 E . 26.72 -13.86 -3.68
C21 R82 E . 24.68 -14.03 -2.05
C22 R82 E . 23.53 -14.76 -2.76
C23 R82 E . 22.67 -15.79 -2.33
C24 R82 E . 21.68 -16.29 -3.21
C25 R82 E . 21.58 -15.79 -4.51
C26 R82 E . 22.42 -14.80 -4.94
C27 R82 E . 23.41 -14.26 -4.07
S SO4 F . 8.91 -11.21 -8.02
O1 SO4 F . 7.48 -11.58 -7.91
O2 SO4 F . 9.73 -12.42 -7.92
O3 SO4 F . 9.31 -10.28 -6.91
O4 SO4 F . 9.07 -10.59 -9.35
S SO4 G . 1.72 -10.76 -8.45
O1 SO4 G . 0.41 -11.49 -8.41
O2 SO4 G . 2.85 -11.56 -7.89
O3 SO4 G . 1.85 -9.72 -7.38
O4 SO4 G . 1.88 -10.24 -9.85
#